data_1PL1
#
_entry.id   1PL1
#
_cell.length_a   99.505
_cell.length_b   90.247
_cell.length_c   51.130
_cell.angle_alpha   90.00
_cell.angle_beta   93.67
_cell.angle_gamma   90.00
#
_symmetry.space_group_name_H-M   'C 1 2 1'
#
loop_
_entity.id
_entity.type
_entity.pdbx_description
1 polymer 'Glutathione S-transferase A1'
2 non-polymer 'CHLORIDE ION'
3 non-polymer N-(4-AMINOBUTANOYL)-S-(4-METHOXYBENZYL)-L-CYSTEINYLGLYCINE
4 water water
#
_entity_poly.entity_id   1
_entity_poly.type   'polypeptide(L)'
_entity_poly.pdbx_seq_one_letter_code
;MAEKPKLHYFNARGRMESTRWLLAAAGVEFEEKFIKSAEDLDKLRNDGYLMFQQVPMVEIDGMKLVQTRAILNYIASKYN
LYGKDIKERALIDMYIEGIADLGEMILLLPV(CSO)PPEEKDAKLALIKEKIKNRYFPAFEKVLKSHGQDYLVGNKLSRA
DIHLVELLYYVEELDSSLISSFPLLKALKTRISNLPTVKKFLQPGSPRKPPMDEKSLEEARKIFRF
;
_entity_poly.pdbx_strand_id   A,B
#
loop_
_chem_comp.id
_chem_comp.type
_chem_comp.name
_chem_comp.formula
ABY non-polymer N-(4-AMINOBUTANOYL)-S-(4-METHOXYBENZYL)-L-CYSTEINYLGLYCINE 'C17 H25 N3 O5 S'
CL non-polymer 'CHLORIDE ION' 'Cl -1'
#
# COMPACT_ATOMS: atom_id res chain seq x y z
N ALA A 2 -14.03 -22.95 10.73
CA ALA A 2 -13.30 -22.14 9.69
C ALA A 2 -12.40 -22.96 8.76
N GLU A 3 -12.39 -22.59 7.47
CA GLU A 3 -11.58 -23.26 6.46
C GLU A 3 -10.05 -23.03 6.73
N LYS A 4 -9.19 -23.94 6.27
CA LYS A 4 -7.75 -23.67 6.16
C LYS A 4 -7.56 -22.59 5.09
N PRO A 5 -6.79 -21.52 5.34
CA PRO A 5 -6.53 -20.56 4.26
C PRO A 5 -5.90 -21.22 3.07
N LYS A 6 -6.31 -20.80 1.88
CA LYS A 6 -5.84 -21.34 0.63
C LYS A 6 -5.30 -20.19 -0.21
N LEU A 7 -4.04 -20.28 -0.56
CA LEU A 7 -3.32 -19.22 -1.25
C LEU A 7 -3.24 -19.53 -2.73
N HIS A 8 -3.74 -18.62 -3.56
CA HIS A 8 -3.70 -18.76 -5.01
C HIS A 8 -2.64 -17.86 -5.61
N TYR A 9 -1.61 -18.46 -6.22
CA TYR A 9 -0.53 -17.73 -6.83
C TYR A 9 0.25 -18.73 -7.68
N PHE A 10 1.26 -18.27 -8.38
CA PHE A 10 2.19 -19.23 -9.02
C PHE A 10 3.23 -19.70 -8.03
N ASN A 11 4.05 -20.68 -8.46
CA ASN A 11 5.00 -21.33 -7.54
C ASN A 11 6.30 -20.56 -7.52
N ALA A 12 6.25 -19.46 -6.78
CA ALA A 12 7.35 -18.50 -6.69
C ALA A 12 7.06 -17.57 -5.52
N ARG A 13 8.05 -16.78 -5.14
CA ARG A 13 7.92 -15.78 -4.09
C ARG A 13 6.92 -14.71 -4.49
N GLY A 14 7.33 -13.92 -5.48
CA GLY A 14 6.59 -12.78 -5.96
C GLY A 14 5.86 -11.98 -4.90
N ARG A 15 4.59 -11.72 -5.19
CA ARG A 15 3.74 -10.93 -4.31
C ARG A 15 3.04 -11.70 -3.18
N MET A 16 3.21 -13.02 -3.11
CA MET A 16 2.53 -13.86 -2.12
C MET A 16 3.48 -14.21 -0.98
N GLU A 17 4.79 -14.00 -1.15
CA GLU A 17 5.73 -14.51 -0.17
C GLU A 17 5.57 -13.89 1.21
N SER A 18 5.25 -12.60 1.26
CA SER A 18 5.07 -11.93 2.55
C SER A 18 3.89 -12.51 3.31
N THR A 19 2.87 -12.97 2.60
CA THR A 19 1.74 -13.70 3.22
C THR A 19 2.14 -15.08 3.76
N ARG A 20 2.95 -15.81 3.00
CA ARG A 20 3.44 -17.08 3.47
C ARG A 20 4.24 -16.87 4.78
N TRP A 21 5.13 -15.88 4.81
CA TRP A 21 5.86 -15.52 6.02
C TRP A 21 4.96 -15.21 7.20
N LEU A 22 3.92 -14.40 6.99
CA LEU A 22 3.11 -13.97 8.13
C LEU A 22 2.26 -15.14 8.68
N LEU A 23 1.65 -15.92 7.80
CA LEU A 23 0.87 -17.07 8.26
C LEU A 23 1.78 -18.05 8.96
N ALA A 24 2.91 -18.35 8.36
CA ALA A 24 3.82 -19.30 8.99
C ALA A 24 4.27 -18.82 10.36
N ALA A 25 4.59 -17.54 10.47
CA ALA A 25 5.06 -16.97 11.74
C ALA A 25 3.97 -17.06 12.81
N ALA A 26 2.73 -16.92 12.38
CA ALA A 26 1.57 -16.97 13.26
C ALA A 26 1.21 -18.38 13.65
N GLY A 27 1.87 -19.39 13.07
CA GLY A 27 1.55 -20.77 13.36
C GLY A 27 0.31 -21.31 12.66
N VAL A 28 -0.11 -20.64 11.59
CA VAL A 28 -1.32 -20.96 10.86
C VAL A 28 -1.04 -21.90 9.68
N GLU A 29 -1.66 -23.07 9.70
CA GLU A 29 -1.49 -24.00 8.59
C GLU A 29 -2.29 -23.53 7.41
N PHE A 30 -1.70 -23.61 6.22
CA PHE A 30 -2.39 -23.16 5.02
C PHE A 30 -2.08 -24.07 3.86
N GLU A 31 -2.90 -23.96 2.82
CA GLU A 31 -2.72 -24.71 1.59
C GLU A 31 -2.41 -23.74 0.49
N GLU A 32 -1.82 -24.24 -0.59
CA GLU A 32 -1.56 -23.44 -1.77
C GLU A 32 -2.09 -24.16 -3.00
N LYS A 33 -2.71 -23.42 -3.91
CA LYS A 33 -3.06 -23.95 -5.21
C LYS A 33 -2.31 -23.16 -6.25
N PHE A 34 -1.36 -23.81 -6.91
CA PHE A 34 -0.48 -23.15 -7.84
C PHE A 34 -1.11 -22.96 -9.21
N ILE A 35 -1.13 -21.72 -9.61
CA ILE A 35 -1.40 -21.31 -10.97
C ILE A 35 -0.19 -21.71 -11.80
N LYS A 36 -0.44 -22.48 -12.86
CA LYS A 36 0.61 -23.02 -13.73
C LYS A 36 0.57 -22.46 -15.16
N SER A 37 -0.52 -21.78 -15.51
CA SER A 37 -0.75 -21.32 -16.87
C SER A 37 -1.63 -20.10 -16.88
N ALA A 38 -1.66 -19.39 -18.00
CA ALA A 38 -2.58 -18.29 -18.17
C ALA A 38 -4.02 -18.79 -18.06
N GLU A 39 -4.25 -20.02 -18.50
CA GLU A 39 -5.56 -20.62 -18.50
C GLU A 39 -6.09 -20.82 -17.09
N ASP A 40 -5.21 -21.24 -16.16
CA ASP A 40 -5.56 -21.37 -14.76
C ASP A 40 -5.98 -19.98 -14.23
N LEU A 41 -5.18 -18.98 -14.52
CA LEU A 41 -5.49 -17.62 -14.06
C LEU A 41 -6.84 -17.16 -14.63
N ASP A 42 -7.06 -17.46 -15.89
CA ASP A 42 -8.29 -17.04 -16.57
C ASP A 42 -9.51 -17.71 -15.96
N LYS A 43 -9.37 -18.93 -15.46
CA LYS A 43 -10.48 -19.62 -14.81
C LYS A 43 -10.89 -18.93 -13.50
N LEU A 44 -9.89 -18.55 -12.72
CA LEU A 44 -10.17 -17.83 -11.47
C LEU A 44 -10.82 -16.50 -11.79
N ARG A 45 -10.34 -15.82 -12.81
CA ARG A 45 -10.93 -14.54 -13.24
C ARG A 45 -12.36 -14.74 -13.68
N ASN A 46 -12.57 -15.65 -14.63
CA ASN A 46 -13.92 -15.88 -15.16
C ASN A 46 -14.93 -16.24 -14.11
N ASP A 47 -14.50 -17.05 -13.16
CA ASP A 47 -15.38 -17.57 -12.14
C ASP A 47 -15.68 -16.57 -11.01
N GLY A 48 -15.10 -15.39 -11.05
CA GLY A 48 -15.51 -14.30 -10.17
C GLY A 48 -14.73 -14.17 -8.87
N TYR A 49 -13.66 -14.93 -8.73
CA TYR A 49 -12.92 -15.00 -7.49
C TYR A 49 -11.83 -13.94 -7.32
N LEU A 50 -11.56 -13.15 -8.37
CA LEU A 50 -10.50 -12.15 -8.37
C LEU A 50 -11.10 -10.77 -8.60
N MET A 51 -11.26 -9.99 -7.54
CA MET A 51 -11.98 -8.73 -7.70
C MET A 51 -11.41 -7.83 -8.80
N PHE A 52 -10.08 -7.79 -8.91
CA PHE A 52 -9.42 -6.95 -9.90
C PHE A 52 -8.67 -7.77 -10.98
N GLN A 53 -9.09 -9.03 -11.13
CA GLN A 53 -8.57 -9.95 -12.17
C GLN A 53 -7.09 -10.29 -11.95
N GLN A 54 -6.65 -10.14 -10.70
CA GLN A 54 -5.26 -10.34 -10.33
C GLN A 54 -5.14 -11.28 -9.15
N VAL A 55 -3.97 -11.89 -9.02
CA VAL A 55 -3.55 -12.57 -7.79
C VAL A 55 -2.34 -11.83 -7.23
N PRO A 56 -1.92 -12.05 -5.97
CA PRO A 56 -2.45 -13.01 -5.00
C PRO A 56 -3.94 -12.97 -4.70
N MET A 57 -4.51 -14.14 -4.38
CA MET A 57 -5.81 -14.21 -3.79
C MET A 57 -5.70 -15.23 -2.69
N VAL A 58 -6.31 -14.94 -1.55
CA VAL A 58 -6.36 -15.85 -0.44
C VAL A 58 -7.82 -16.09 -0.04
N GLU A 59 -8.21 -17.37 -0.01
CA GLU A 59 -9.47 -17.80 0.53
C GLU A 59 -9.30 -17.95 2.06
N ILE A 60 -9.96 -17.08 2.81
CA ILE A 60 -9.90 -17.17 4.28
C ILE A 60 -11.20 -16.68 4.88
N ASP A 61 -11.73 -17.42 5.84
CA ASP A 61 -12.96 -17.03 6.56
C ASP A 61 -14.14 -16.66 5.65
N GLY A 62 -14.32 -17.45 4.60
CA GLY A 62 -15.36 -17.17 3.60
C GLY A 62 -15.12 -16.07 2.57
N MET A 63 -14.01 -15.34 2.68
CA MET A 63 -13.70 -14.24 1.80
C MET A 63 -12.76 -14.73 0.69
N LYS A 64 -12.84 -14.08 -0.45
CA LYS A 64 -11.87 -14.20 -1.54
C LYS A 64 -11.08 -12.90 -1.58
N LEU A 65 -10.04 -12.83 -0.77
CA LEU A 65 -9.32 -11.58 -0.57
C LEU A 65 -8.22 -11.46 -1.57
N VAL A 66 -8.26 -10.37 -2.29
CA VAL A 66 -7.13 -9.95 -3.13
C VAL A 66 -6.60 -8.64 -2.60
N GLN A 67 -5.45 -8.24 -3.15
CA GLN A 67 -4.59 -7.15 -2.74
C GLN A 67 -3.74 -7.53 -1.50
N THR A 68 -2.43 -7.56 -1.68
CA THR A 68 -1.55 -8.02 -0.62
C THR A 68 -1.83 -7.30 0.69
N ARG A 69 -2.02 -5.99 0.67
CA ARG A 69 -2.16 -5.28 1.96
C ARG A 69 -3.46 -5.64 2.64
N ALA A 70 -4.54 -5.85 1.87
CA ALA A 70 -5.78 -6.34 2.45
C ALA A 70 -5.64 -7.70 3.14
N ILE A 71 -4.96 -8.61 2.45
CA ILE A 71 -4.70 -9.95 2.94
C ILE A 71 -3.87 -9.89 4.23
N LEU A 72 -2.77 -9.16 4.20
CA LEU A 72 -1.87 -9.05 5.35
C LEU A 72 -2.54 -8.35 6.54
N ASN A 73 -3.29 -7.28 6.29
CA ASN A 73 -3.98 -6.54 7.32
C ASN A 73 -4.96 -7.48 8.06
N TYR A 74 -5.67 -8.31 7.30
CA TYR A 74 -6.66 -9.22 7.89
C TYR A 74 -5.95 -10.28 8.74
N ILE A 75 -4.97 -10.95 8.16
CA ILE A 75 -4.22 -11.96 8.88
C ILE A 75 -3.58 -11.36 10.13
N ALA A 76 -2.98 -10.18 9.99
CA ALA A 76 -2.33 -9.56 11.16
C ALA A 76 -3.32 -9.30 12.27
N SER A 77 -4.47 -8.73 11.93
CA SER A 77 -5.48 -8.49 12.95
C SER A 77 -5.97 -9.81 13.58
N LYS A 78 -6.23 -10.79 12.73
CA LYS A 78 -6.80 -12.06 13.18
C LYS A 78 -5.91 -12.74 14.20
N TYR A 79 -4.59 -12.68 13.98
CA TYR A 79 -3.64 -13.39 14.80
C TYR A 79 -2.84 -12.52 15.78
N ASN A 80 -3.41 -11.36 16.13
CA ASN A 80 -2.87 -10.48 17.16
C ASN A 80 -1.44 -10.07 16.87
N LEU A 81 -1.19 -9.79 15.59
CA LEU A 81 0.11 -9.34 15.13
C LEU A 81 0.02 -7.91 14.57
N TYR A 82 -1.01 -7.16 14.96
CA TYR A 82 -1.19 -5.78 14.47
C TYR A 82 -1.23 -4.77 15.64
N GLY A 83 -0.51 -5.10 16.68
CA GLY A 83 -0.40 -4.27 17.88
C GLY A 83 -1.67 -4.23 18.68
N LYS A 84 -1.73 -3.38 19.69
CA LYS A 84 -2.86 -3.49 20.61
C LYS A 84 -3.79 -2.30 20.62
N ASP A 85 -3.44 -1.28 19.86
CA ASP A 85 -4.30 -0.12 19.75
C ASP A 85 -3.95 0.70 18.52
N ILE A 86 -4.78 1.70 18.27
CA ILE A 86 -4.70 2.54 17.07
C ILE A 86 -3.35 3.19 16.89
N LYS A 87 -2.72 3.64 17.98
CA LYS A 87 -1.46 4.32 17.90
C LYS A 87 -0.37 3.31 17.61
N GLU A 88 -0.43 2.10 18.21
CA GLU A 88 0.53 1.07 17.84
C GLU A 88 0.36 0.70 16.37
N ARG A 89 -0.88 0.64 15.88
CA ARG A 89 -1.08 0.30 14.48
C ARG A 89 -0.48 1.35 13.60
N ALA A 90 -0.52 2.61 14.03
CA ALA A 90 0.08 3.69 13.24
C ALA A 90 1.61 3.56 13.09
N LEU A 91 2.31 3.23 14.18
CA LEU A 91 3.74 2.91 14.09
C LEU A 91 3.97 1.69 13.24
N ILE A 92 3.21 0.62 13.47
CA ILE A 92 3.35 -0.55 12.64
C ILE A 92 3.16 -0.22 11.17
N ASP A 93 2.11 0.51 10.84
CA ASP A 93 1.81 0.82 9.46
C ASP A 93 2.97 1.68 8.87
N MET A 94 3.48 2.64 9.62
CA MET A 94 4.53 3.49 9.10
C MET A 94 5.74 2.61 8.79
N TYR A 95 6.10 1.74 9.73
CA TYR A 95 7.24 0.86 9.57
C TYR A 95 7.06 -0.07 8.41
N ILE A 96 5.91 -0.74 8.30
CA ILE A 96 5.77 -1.75 7.27
C ILE A 96 5.57 -1.15 5.86
N GLU A 97 5.15 0.11 5.80
CA GLU A 97 5.07 0.78 4.50
C GLU A 97 6.44 1.15 4.00
N GLY A 98 7.35 1.52 4.90
CA GLY A 98 8.74 1.72 4.48
C GLY A 98 9.37 0.39 4.02
N ILE A 99 9.09 -0.68 4.76
CA ILE A 99 9.52 -2.02 4.35
C ILE A 99 8.95 -2.40 2.99
N ALA A 100 7.67 -2.15 2.76
CA ALA A 100 7.07 -2.48 1.46
C ALA A 100 7.69 -1.69 0.32
N ASP A 101 8.02 -0.42 0.55
CA ASP A 101 8.66 0.41 -0.48
C ASP A 101 9.98 -0.18 -0.93
N LEU A 102 10.80 -0.57 0.03
CA LEU A 102 12.11 -1.16 -0.26
C LEU A 102 11.95 -2.52 -0.90
N GLY A 103 11.04 -3.32 -0.34
CA GLY A 103 10.76 -4.64 -0.87
C GLY A 103 10.31 -4.60 -2.31
N GLU A 104 9.51 -3.60 -2.64
CA GLU A 104 8.99 -3.45 -4.00
C GLU A 104 10.16 -3.15 -4.94
N MET A 105 11.08 -2.29 -4.54
CA MET A 105 12.25 -2.00 -5.38
C MET A 105 13.01 -3.28 -5.71
N ILE A 106 13.21 -4.11 -4.68
CA ILE A 106 13.98 -5.33 -4.81
C ILE A 106 13.24 -6.35 -5.67
N LEU A 107 11.97 -6.53 -5.38
CA LEU A 107 11.08 -7.39 -6.18
C LEU A 107 11.19 -7.09 -7.66
N LEU A 108 11.21 -5.79 -8.01
CA LEU A 108 11.10 -5.41 -9.42
C LEU A 108 12.44 -5.31 -10.16
N LEU A 109 13.56 -5.40 -9.46
CA LEU A 109 14.88 -5.35 -10.11
C LEU A 109 15.06 -6.21 -11.38
N PRO A 110 14.72 -7.50 -11.34
CA PRO A 110 14.88 -8.33 -12.54
C PRO A 110 13.98 -7.91 -13.68
N VAL A 111 12.95 -7.12 -13.44
CA VAL A 111 12.10 -6.66 -14.53
C VAL A 111 12.50 -5.29 -15.10
N CSO A 112 13.44 -4.57 -14.47
CA CSO A 112 14.22 -3.48 -15.06
CB CSO A 112 15.43 -3.00 -14.22
SG CSO A 112 14.93 -2.18 -12.72
C CSO A 112 14.76 -3.73 -16.45
O CSO A 112 15.18 -4.84 -16.74
OD CSO A 112 14.17 -0.80 -13.01
N PRO A 113 14.64 -2.75 -17.37
CA PRO A 113 15.39 -2.85 -18.64
C PRO A 113 16.86 -3.18 -18.37
N PRO A 114 17.41 -4.13 -19.12
CA PRO A 114 18.81 -4.54 -18.94
C PRO A 114 19.78 -3.38 -18.68
N GLU A 115 19.68 -2.34 -19.51
CA GLU A 115 20.64 -1.23 -19.45
C GLU A 115 20.40 -0.25 -18.28
N GLU A 116 19.29 -0.41 -17.54
CA GLU A 116 19.00 0.43 -16.37
C GLU A 116 19.26 -0.30 -15.04
N LYS A 117 19.44 -1.62 -15.10
CA LYS A 117 19.45 -2.48 -13.92
C LYS A 117 20.61 -2.22 -12.97
N ASP A 118 21.82 -2.08 -13.51
CA ASP A 118 23.00 -1.85 -12.67
C ASP A 118 22.82 -0.57 -11.88
N ALA A 119 22.32 0.48 -12.53
CA ALA A 119 22.17 1.77 -11.83
C ALA A 119 21.06 1.67 -10.79
N LYS A 120 20.03 0.89 -11.09
CA LYS A 120 18.93 0.70 -10.14
C LYS A 120 19.41 -0.03 -8.90
N LEU A 121 20.23 -1.08 -9.09
CA LEU A 121 20.77 -1.82 -7.95
C LEU A 121 21.61 -0.88 -7.08
N ALA A 122 22.43 -0.04 -7.71
CA ALA A 122 23.26 0.89 -6.96
C ALA A 122 22.42 1.87 -6.14
N LEU A 123 21.33 2.35 -6.72
CA LEU A 123 20.41 3.21 -6.00
C LEU A 123 19.73 2.48 -4.81
N ILE A 124 19.30 1.24 -5.03
CA ILE A 124 18.71 0.41 -3.97
C ILE A 124 19.71 0.26 -2.82
N LYS A 125 20.97 -0.04 -3.15
CA LYS A 125 21.97 -0.19 -2.11
C LYS A 125 22.21 1.12 -1.31
N GLU A 126 22.21 2.29 -1.97
CA GLU A 126 22.35 3.56 -1.31
C GLU A 126 21.15 3.80 -0.37
N LYS A 127 19.95 3.44 -0.81
CA LYS A 127 18.76 3.62 0.00
C LYS A 127 18.78 2.72 1.23
N ILE A 128 19.25 1.51 1.06
CA ILE A 128 19.36 0.57 2.18
C ILE A 128 20.28 1.13 3.23
N LYS A 129 21.47 1.50 2.80
CA LYS A 129 22.47 2.02 3.73
C LYS A 129 22.17 3.36 4.36
N ASN A 130 21.56 4.26 3.61
CA ASN A 130 21.40 5.63 4.06
C ASN A 130 20.01 6.01 4.52
N ARG A 131 19.00 5.25 4.08
CA ARG A 131 17.61 5.60 4.40
C ARG A 131 16.92 4.55 5.27
N TYR A 132 16.86 3.33 4.77
CA TYR A 132 16.00 2.31 5.41
C TYR A 132 16.63 1.61 6.60
N PHE A 133 17.83 1.08 6.44
CA PHE A 133 18.47 0.44 7.61
C PHE A 133 18.70 1.42 8.74
N PRO A 134 19.16 2.66 8.49
CA PRO A 134 19.22 3.63 9.61
C PRO A 134 17.89 3.88 10.30
N ALA A 135 16.80 3.96 9.57
CA ALA A 135 15.47 4.17 10.18
C ALA A 135 15.11 3.05 11.12
N PHE A 136 15.33 1.80 10.73
CA PHE A 136 14.94 0.67 11.55
C PHE A 136 15.91 0.43 12.71
N GLU A 137 17.19 0.69 12.48
CA GLU A 137 18.17 0.64 13.54
C GLU A 137 17.82 1.65 14.63
N LYS A 138 17.38 2.82 14.21
CA LYS A 138 17.06 3.91 15.12
C LYS A 138 15.90 3.48 16.00
N VAL A 139 14.89 2.84 15.41
CA VAL A 139 13.75 2.36 16.20
C VAL A 139 14.25 1.37 17.24
N LEU A 140 15.04 0.41 16.80
CA LEU A 140 15.47 -0.63 17.71
C LEU A 140 16.35 -0.05 18.83
N LYS A 141 17.12 0.99 18.54
CA LYS A 141 17.99 1.57 19.55
C LYS A 141 17.17 2.43 20.48
N SER A 142 16.02 2.92 20.01
CA SER A 142 15.26 3.89 20.81
C SER A 142 14.72 3.25 22.10
N HIS A 143 14.25 2.00 21.97
CA HIS A 143 13.72 1.24 23.12
C HIS A 143 14.60 0.08 23.57
N GLY A 144 15.55 -0.35 22.73
CA GLY A 144 16.44 -1.44 23.09
C GLY A 144 15.81 -2.80 23.34
N GLN A 145 14.58 -2.99 22.87
CA GLN A 145 13.81 -4.19 23.14
C GLN A 145 13.90 -5.11 21.94
N ASP A 146 13.44 -6.31 22.16
CA ASP A 146 13.62 -7.39 21.21
C ASP A 146 12.69 -7.28 19.99
N TYR A 147 11.59 -6.55 20.12
CA TYR A 147 10.61 -6.35 19.05
C TYR A 147 10.44 -4.88 18.71
N LEU A 148 10.06 -4.61 17.48
CA LEU A 148 9.97 -3.23 16.97
C LEU A 148 8.95 -2.38 17.73
N VAL A 149 7.82 -2.98 18.06
CA VAL A 149 6.68 -2.25 18.65
C VAL A 149 6.09 -2.94 19.86
N GLY A 150 5.86 -2.18 20.95
CA GLY A 150 5.07 -2.67 22.06
C GLY A 150 5.68 -3.82 22.86
N ASN A 151 6.98 -4.06 22.67
CA ASN A 151 7.69 -5.16 23.31
C ASN A 151 7.05 -6.53 23.11
N LYS A 152 6.46 -6.69 21.91
CA LYS A 152 5.73 -7.86 21.56
C LYS A 152 5.88 -8.14 20.07
N LEU A 153 5.96 -9.39 19.70
CA LEU A 153 6.01 -9.77 18.29
C LEU A 153 4.84 -9.12 17.57
N SER A 154 5.16 -8.47 16.46
CA SER A 154 4.14 -8.00 15.51
C SER A 154 4.56 -8.31 14.10
N ARG A 155 3.64 -8.04 13.20
CA ARG A 155 3.90 -8.22 11.80
C ARG A 155 5.08 -7.43 11.36
N ALA A 156 5.36 -6.29 12.02
CA ALA A 156 6.52 -5.47 11.59
C ALA A 156 7.84 -6.24 11.70
N ASP A 157 7.98 -7.03 12.77
CA ASP A 157 9.21 -7.80 12.96
C ASP A 157 9.34 -8.83 11.86
N ILE A 158 8.22 -9.45 11.52
CA ILE A 158 8.20 -10.50 10.49
C ILE A 158 8.49 -9.93 9.11
N HIS A 159 7.82 -8.85 8.71
CA HIS A 159 8.02 -8.29 7.39
C HIS A 159 9.47 -7.77 7.30
N LEU A 160 9.98 -7.16 8.38
CA LEU A 160 11.35 -6.65 8.38
C LEU A 160 12.37 -7.74 8.22
N VAL A 161 12.26 -8.78 9.03
CA VAL A 161 13.23 -9.86 8.96
C VAL A 161 13.19 -10.57 7.59
N GLU A 162 12.00 -10.80 7.05
CA GLU A 162 11.88 -11.30 5.69
C GLU A 162 12.72 -10.46 4.74
N LEU A 163 12.58 -9.14 4.82
CA LEU A 163 13.31 -8.23 3.95
C LEU A 163 14.80 -8.32 4.17
N LEU A 164 15.21 -8.50 5.43
CA LEU A 164 16.65 -8.63 5.72
C LEU A 164 17.23 -9.85 5.01
N TYR A 165 16.45 -10.93 4.90
CA TYR A 165 16.90 -12.08 4.09
C TYR A 165 17.11 -11.71 2.63
N TYR A 166 16.22 -10.92 2.06
CA TYR A 166 16.36 -10.51 0.64
C TYR A 166 17.56 -9.58 0.46
N VAL A 167 17.74 -8.67 1.40
CA VAL A 167 18.90 -7.77 1.34
C VAL A 167 20.19 -8.58 1.40
N GLU A 168 20.22 -9.60 2.27
CA GLU A 168 21.39 -10.50 2.43
C GLU A 168 21.73 -11.14 1.07
N GLU A 169 20.70 -11.50 0.32
CA GLU A 169 20.88 -12.16 -0.98
C GLU A 169 21.48 -11.18 -1.97
N LEU A 170 21.10 -9.92 -1.87
CA LEU A 170 21.67 -8.90 -2.78
C LEU A 170 23.12 -8.64 -2.44
N ASP A 171 23.42 -8.42 -1.16
CA ASP A 171 24.75 -8.02 -0.71
C ASP A 171 24.81 -8.22 0.81
N SER A 172 25.56 -9.22 1.24
CA SER A 172 25.61 -9.59 2.65
C SER A 172 26.33 -8.56 3.49
N SER A 173 26.98 -7.58 2.85
CA SER A 173 27.66 -6.52 3.55
C SER A 173 26.74 -5.37 3.97
N LEU A 174 25.55 -5.27 3.39
CA LEU A 174 24.69 -4.09 3.61
C LEU A 174 24.27 -3.95 5.07
N ILE A 175 24.04 -5.07 5.76
CA ILE A 175 23.63 -5.04 7.16
C ILE A 175 24.79 -4.84 8.15
N SER A 176 26.03 -4.91 7.67
CA SER A 176 27.18 -5.03 8.57
C SER A 176 27.30 -3.95 9.64
N SER A 177 26.91 -2.72 9.32
CA SER A 177 27.04 -1.61 10.26
C SER A 177 25.83 -1.41 11.15
N PHE A 178 24.91 -2.38 11.11
CA PHE A 178 23.63 -2.26 11.78
C PHE A 178 23.44 -3.41 12.74
N PRO A 179 24.10 -3.38 13.90
CA PRO A 179 24.11 -4.55 14.79
C PRO A 179 22.74 -4.92 15.37
N LEU A 180 21.91 -3.92 15.61
CA LEU A 180 20.58 -4.21 16.15
C LEU A 180 19.70 -4.95 15.12
N LEU A 181 19.85 -4.65 13.84
CA LEU A 181 19.09 -5.34 12.78
C LEU A 181 19.60 -6.76 12.68
N LYS A 182 20.92 -6.93 12.70
CA LYS A 182 21.53 -8.27 12.75
C LYS A 182 20.96 -9.12 13.88
N ALA A 183 20.84 -8.53 15.06
CA ALA A 183 20.36 -9.23 16.24
C ALA A 183 18.85 -9.54 16.11
N LEU A 184 18.07 -8.61 15.54
CA LEU A 184 16.65 -8.91 15.28
C LEU A 184 16.50 -10.10 14.32
N LYS A 185 17.26 -10.09 13.25
CA LYS A 185 17.27 -11.19 12.29
C LYS A 185 17.48 -12.53 12.99
N THR A 186 18.48 -12.56 13.84
CA THR A 186 18.77 -13.78 14.58
C THR A 186 17.63 -14.22 15.49
N ARG A 187 17.14 -13.30 16.30
CA ARG A 187 16.12 -13.64 17.29
C ARG A 187 14.81 -14.10 16.65
N ILE A 188 14.35 -13.37 15.63
CA ILE A 188 13.09 -13.70 14.95
C ILE A 188 13.25 -15.03 14.22
N SER A 189 14.42 -15.25 13.63
CA SER A 189 14.70 -16.51 12.95
C SER A 189 14.69 -17.73 13.87
N ASN A 190 14.83 -17.51 15.17
CA ASN A 190 14.85 -18.58 16.14
C ASN A 190 13.53 -18.78 16.86
N LEU A 191 12.56 -17.91 16.60
CA LEU A 191 11.22 -18.19 17.08
C LEU A 191 10.79 -19.52 16.48
N PRO A 192 10.21 -20.42 17.27
CA PRO A 192 9.88 -21.75 16.75
C PRO A 192 9.18 -21.79 15.39
N THR A 193 8.13 -21.00 15.22
CA THR A 193 7.40 -20.98 13.95
C THR A 193 8.27 -20.54 12.78
N VAL A 194 9.03 -19.49 12.97
CA VAL A 194 9.85 -18.93 11.90
C VAL A 194 11.03 -19.89 11.57
N LYS A 195 11.60 -20.46 12.62
CA LYS A 195 12.68 -21.47 12.50
C LYS A 195 12.23 -22.59 11.57
N LYS A 196 11.00 -23.06 11.79
CA LYS A 196 10.46 -24.18 11.02
C LYS A 196 10.22 -23.71 9.59
N PHE A 197 9.75 -22.49 9.43
CA PHE A 197 9.52 -21.95 8.08
C PHE A 197 10.85 -21.80 7.31
N LEU A 198 11.94 -21.53 8.02
CA LEU A 198 13.23 -21.37 7.37
C LEU A 198 13.86 -22.71 7.05
N GLN A 199 13.42 -23.75 7.72
CA GLN A 199 13.97 -25.08 7.48
C GLN A 199 13.38 -25.68 6.18
N PRO A 200 14.04 -26.67 5.60
CA PRO A 200 13.53 -27.28 4.39
C PRO A 200 12.10 -27.84 4.48
N GLY A 201 11.42 -27.88 3.34
CA GLY A 201 10.15 -28.54 3.20
C GLY A 201 8.96 -27.69 3.61
N SER A 202 9.20 -26.44 3.95
CA SER A 202 8.13 -25.48 4.25
C SER A 202 7.63 -24.81 2.98
N PRO A 203 6.56 -24.00 3.07
CA PRO A 203 6.11 -23.24 1.91
C PRO A 203 6.99 -22.06 1.51
N ARG A 204 8.07 -21.83 2.24
CA ARG A 204 8.96 -20.78 1.86
C ARG A 204 9.48 -21.03 0.46
N LYS A 205 9.60 -19.98 -0.33
CA LYS A 205 9.98 -20.10 -1.74
C LYS A 205 11.39 -19.61 -2.00
N PRO A 206 12.07 -20.20 -2.99
CA PRO A 206 13.43 -19.78 -3.29
C PRO A 206 13.51 -18.52 -4.09
N PRO A 207 14.70 -17.95 -4.23
CA PRO A 207 14.90 -16.84 -5.16
C PRO A 207 14.43 -17.25 -6.56
N MET A 208 13.79 -16.29 -7.20
CA MET A 208 13.24 -16.51 -8.53
C MET A 208 14.39 -16.47 -9.53
N ASP A 209 14.58 -17.55 -10.27
CA ASP A 209 15.60 -17.60 -11.32
C ASP A 209 14.98 -17.19 -12.67
N GLU A 210 15.80 -17.15 -13.70
CA GLU A 210 15.32 -16.81 -15.04
C GLU A 210 14.14 -17.66 -15.54
N LYS A 211 14.19 -18.97 -15.28
CA LYS A 211 13.13 -19.92 -15.63
C LYS A 211 11.77 -19.64 -14.92
N SER A 212 11.84 -19.26 -13.65
CA SER A 212 10.63 -18.92 -12.92
C SER A 212 10.11 -17.56 -13.41
N LEU A 213 11.01 -16.66 -13.79
CA LEU A 213 10.59 -15.33 -14.23
C LEU A 213 9.84 -15.46 -15.56
N GLU A 214 10.34 -16.34 -16.39
CA GLU A 214 9.73 -16.59 -17.68
C GLU A 214 8.38 -17.23 -17.51
N GLU A 215 8.22 -18.09 -16.51
CA GLU A 215 6.91 -18.70 -16.25
C GLU A 215 5.94 -17.58 -15.86
N ALA A 216 6.41 -16.64 -15.04
CA ALA A 216 5.61 -15.48 -14.66
C ALA A 216 5.15 -14.72 -15.93
N ARG A 217 6.09 -14.55 -16.88
CA ARG A 217 5.82 -13.81 -18.09
C ARG A 217 4.71 -14.51 -18.90
N LYS A 218 4.73 -15.84 -18.90
CA LYS A 218 3.72 -16.65 -19.59
C LYS A 218 2.34 -16.54 -18.93
N ILE A 219 2.30 -16.78 -17.63
CA ILE A 219 1.07 -16.77 -16.85
C ILE A 219 0.39 -15.40 -16.82
N PHE A 220 1.15 -14.35 -16.55
CA PHE A 220 0.59 -13.01 -16.36
C PHE A 220 0.68 -12.11 -17.58
N ARG A 221 1.30 -12.63 -18.64
CA ARG A 221 1.40 -11.97 -19.95
C ARG A 221 2.04 -10.58 -19.87
N PHE A 222 3.27 -10.52 -19.34
CA PHE A 222 4.10 -9.30 -19.38
C PHE A 222 5.49 -9.61 -19.96
N ALA B 2 -7.45 19.98 22.28
CA ALA B 2 -6.65 19.02 21.45
C ALA B 2 -5.64 19.78 20.55
N GLU B 3 -5.81 19.66 19.22
CA GLU B 3 -5.05 20.44 18.22
C GLU B 3 -5.34 19.91 16.81
N LYS B 4 -5.28 20.83 15.83
CA LYS B 4 -5.58 20.51 14.44
C LYS B 4 -4.42 19.65 13.89
N PRO B 5 -4.73 18.55 13.19
CA PRO B 5 -3.68 17.87 12.40
C PRO B 5 -2.94 18.86 11.50
N LYS B 6 -1.63 18.70 11.37
CA LYS B 6 -0.83 19.58 10.55
C LYS B 6 -0.25 18.72 9.43
N LEU B 7 -0.58 19.10 8.19
CA LEU B 7 -0.18 18.35 7.02
C LEU B 7 1.04 19.01 6.40
N HIS B 8 2.15 18.27 6.35
CA HIS B 8 3.39 18.69 5.70
C HIS B 8 3.53 18.11 4.29
N TYR B 9 3.48 19.00 3.30
CA TYR B 9 3.59 18.64 1.90
C TYR B 9 3.78 19.94 1.10
N PHE B 10 3.95 19.82 -0.19
CA PHE B 10 3.98 21.00 -1.05
C PHE B 10 2.54 21.35 -1.47
N ASN B 11 2.38 22.57 -1.98
CA ASN B 11 1.06 23.06 -2.32
C ASN B 11 0.63 22.46 -3.67
N ALA B 12 0.05 21.27 -3.58
CA ALA B 12 -0.40 20.49 -4.72
C ALA B 12 -1.10 19.28 -4.20
N ARG B 13 -1.86 18.63 -5.08
CA ARG B 13 -2.55 17.39 -4.73
C ARG B 13 -1.55 16.30 -4.29
N GLY B 14 -0.80 15.83 -5.27
CA GLY B 14 0.20 14.77 -5.10
C GLY B 14 -0.27 13.63 -4.22
N ARG B 15 0.60 13.27 -3.29
CA ARG B 15 0.32 12.17 -2.38
C ARG B 15 -0.45 12.54 -1.12
N MET B 16 -0.75 13.83 -0.90
CA MET B 16 -1.47 14.30 0.28
C MET B 16 -2.98 14.49 0.07
N GLU B 17 -3.40 14.53 -1.18
CA GLU B 17 -4.78 14.93 -1.50
C GLU B 17 -5.81 13.93 -0.97
N SER B 18 -5.50 12.64 -0.95
CA SER B 18 -6.47 11.70 -0.40
C SER B 18 -6.69 11.88 1.09
N THR B 19 -5.64 12.35 1.79
CA THR B 19 -5.71 12.66 3.20
C THR B 19 -6.58 13.92 3.40
N ARG B 20 -6.41 14.94 2.55
CA ARG B 20 -7.26 16.13 2.61
C ARG B 20 -8.72 15.74 2.49
N TRP B 21 -9.02 14.90 1.50
CA TRP B 21 -10.37 14.40 1.27
C TRP B 21 -10.91 13.65 2.48
N LEU B 22 -10.11 12.75 3.06
CA LEU B 22 -10.60 11.95 4.18
C LEU B 22 -10.89 12.80 5.43
N LEU B 23 -9.98 13.70 5.76
CA LEU B 23 -10.12 14.55 6.91
C LEU B 23 -11.32 15.46 6.73
N ALA B 24 -11.45 16.05 5.54
CA ALA B 24 -12.56 16.94 5.25
C ALA B 24 -13.89 16.19 5.33
N ALA B 25 -13.91 14.98 4.77
CA ALA B 25 -15.12 14.19 4.80
C ALA B 25 -15.51 13.90 6.23
N ALA B 26 -14.53 13.67 7.10
CA ALA B 26 -14.79 13.36 8.50
C ALA B 26 -15.17 14.59 9.34
N GLY B 27 -15.15 15.77 8.73
CA GLY B 27 -15.38 17.03 9.42
C GLY B 27 -14.22 17.54 10.26
N VAL B 28 -13.00 17.12 9.96
CA VAL B 28 -11.84 17.45 10.75
C VAL B 28 -11.09 18.66 10.14
N GLU B 29 -11.05 19.75 10.89
CA GLU B 29 -10.28 20.91 10.47
C GLU B 29 -8.79 20.63 10.64
N PHE B 30 -8.01 20.97 9.62
CA PHE B 30 -6.56 20.78 9.64
C PHE B 30 -5.82 22.01 9.16
N GLU B 31 -4.54 22.05 9.50
CA GLU B 31 -3.64 23.08 9.05
C GLU B 31 -2.71 22.43 8.05
N GLU B 32 -2.16 23.22 7.14
CA GLU B 32 -1.12 22.76 6.23
C GLU B 32 0.12 23.64 6.37
N LYS B 33 1.29 23.03 6.29
CA LYS B 33 2.54 23.75 6.31
C LYS B 33 3.20 23.39 4.99
N PHE B 34 3.17 24.32 4.03
CA PHE B 34 3.66 24.09 2.69
C PHE B 34 5.16 24.22 2.58
N ILE B 35 5.75 23.15 2.09
CA ILE B 35 7.13 23.03 1.71
C ILE B 35 7.28 23.80 0.41
N LYS B 36 8.13 24.80 0.40
CA LYS B 36 8.31 25.63 -0.78
C LYS B 36 9.64 25.44 -1.50
N SER B 37 10.55 24.64 -0.93
CA SER B 37 11.88 24.46 -1.48
C SER B 37 12.50 23.20 -0.95
N ALA B 38 13.58 22.77 -1.61
CA ALA B 38 14.41 21.67 -1.15
C ALA B 38 14.97 21.89 0.24
N GLU B 39 15.26 23.14 0.55
CA GLU B 39 15.83 23.50 1.83
C GLU B 39 14.79 23.32 2.93
N ASP B 40 13.53 23.67 2.65
CA ASP B 40 12.43 23.39 3.57
C ASP B 40 12.33 21.90 3.85
N LEU B 41 12.47 21.08 2.82
CA LEU B 41 12.34 19.64 3.01
C LEU B 41 13.53 19.18 3.85
N ASP B 42 14.72 19.71 3.56
CA ASP B 42 15.91 19.32 4.35
C ASP B 42 15.78 19.70 5.79
N LYS B 43 15.11 20.79 6.09
CA LYS B 43 14.92 21.26 7.46
C LYS B 43 14.06 20.21 8.16
N LEU B 44 12.96 19.80 7.53
CA LEU B 44 12.15 18.72 8.12
C LEU B 44 12.97 17.46 8.38
N ARG B 45 13.81 17.08 7.44
CA ARG B 45 14.64 15.90 7.58
C ARG B 45 15.62 16.02 8.73
N ASN B 46 16.33 17.13 8.76
CA ASN B 46 17.36 17.40 9.76
C ASN B 46 16.77 17.52 11.16
N ASP B 47 15.52 17.99 11.28
CA ASP B 47 14.81 18.13 12.56
C ASP B 47 14.26 16.80 13.10
N GLY B 48 14.41 15.72 12.33
CA GLY B 48 13.98 14.40 12.68
C GLY B 48 12.50 14.10 12.48
N TYR B 49 11.83 14.91 11.65
CA TYR B 49 10.39 14.84 11.46
C TYR B 49 9.94 13.68 10.58
N LEU B 50 10.83 13.17 9.75
CA LEU B 50 10.46 12.25 8.66
C LEU B 50 11.18 10.89 8.77
N MET B 51 10.44 9.88 9.20
CA MET B 51 11.06 8.58 9.42
C MET B 51 11.91 8.07 8.25
N PHE B 52 11.43 8.27 7.01
CA PHE B 52 12.11 7.81 5.82
C PHE B 52 12.53 8.96 4.90
N GLN B 53 12.66 10.13 5.50
CA GLN B 53 13.17 11.37 4.84
C GLN B 53 12.26 11.84 3.69
N GLN B 54 10.99 11.42 3.77
CA GLN B 54 9.97 11.73 2.76
C GLN B 54 8.76 12.35 3.38
N VAL B 55 7.99 13.06 2.56
CA VAL B 55 6.64 13.47 2.93
C VAL B 55 5.69 12.82 1.91
N PRO B 56 4.38 12.81 2.11
CA PRO B 56 3.60 13.38 3.22
C PRO B 56 4.05 13.03 4.62
N MET B 57 3.92 13.99 5.50
CA MET B 57 3.97 13.74 6.92
C MET B 57 2.81 14.47 7.53
N VAL B 58 2.15 13.84 8.50
CA VAL B 58 1.05 14.50 9.22
C VAL B 58 1.37 14.45 10.72
N GLU B 59 1.40 15.62 11.36
CA GLU B 59 1.39 15.73 12.81
C GLU B 59 -0.03 15.59 13.33
N ILE B 60 -0.28 14.51 14.07
CA ILE B 60 -1.61 14.22 14.58
C ILE B 60 -1.49 13.44 15.90
N ASP B 61 -2.19 13.92 16.92
CA ASP B 61 -2.27 13.23 18.22
C ASP B 61 -0.90 12.84 18.77
N GLY B 62 0.04 13.76 18.64
CA GLY B 62 1.37 13.59 19.20
C GLY B 62 2.32 12.76 18.37
N MET B 63 1.82 12.21 17.26
CA MET B 63 2.65 11.45 16.33
C MET B 63 3.09 12.26 15.12
N LYS B 64 4.20 11.84 14.52
CA LYS B 64 4.65 12.38 13.25
C LYS B 64 4.60 11.24 12.22
N LEU B 65 3.45 11.10 11.58
CA LEU B 65 3.18 9.96 10.74
C LEU B 65 3.58 10.23 9.30
N VAL B 66 4.40 9.35 8.75
CA VAL B 66 4.66 9.34 7.33
C VAL B 66 4.08 8.05 6.77
N GLN B 67 4.12 7.96 5.45
CA GLN B 67 3.48 6.91 4.66
C GLN B 67 1.97 7.12 4.55
N THR B 68 1.49 7.44 3.35
CA THR B 68 0.09 7.76 3.12
C THR B 68 -0.81 6.70 3.79
N ARG B 69 -0.51 5.44 3.60
CA ARG B 69 -1.40 4.42 4.15
C ARG B 69 -1.45 4.41 5.68
N ALA B 70 -0.31 4.66 6.33
CA ALA B 70 -0.32 4.78 7.79
C ALA B 70 -1.17 5.97 8.25
N ILE B 71 -1.09 7.07 7.52
CA ILE B 71 -1.83 8.27 7.85
C ILE B 71 -3.33 8.03 7.69
N LEU B 72 -3.71 7.49 6.54
CA LEU B 72 -5.11 7.24 6.26
C LEU B 72 -5.72 6.18 7.14
N ASN B 73 -4.98 5.11 7.44
CA ASN B 73 -5.49 4.07 8.29
C ASN B 73 -5.83 4.64 9.68
N TYR B 74 -4.95 5.49 10.19
CA TYR B 74 -5.12 6.07 11.51
C TYR B 74 -6.39 6.95 11.49
N ILE B 75 -6.47 7.84 10.52
CA ILE B 75 -7.59 8.77 10.44
C ILE B 75 -8.88 7.99 10.28
N ALA B 76 -8.87 6.97 9.42
CA ALA B 76 -10.07 6.20 9.19
C ALA B 76 -10.53 5.47 10.47
N SER B 77 -9.61 4.92 11.23
CA SER B 77 -9.96 4.20 12.43
C SER B 77 -10.50 5.19 13.47
N LYS B 78 -9.82 6.30 13.59
CA LYS B 78 -10.17 7.31 14.61
C LYS B 78 -11.55 7.88 14.39
N TYR B 79 -11.93 8.15 13.13
CA TYR B 79 -13.22 8.74 12.80
C TYR B 79 -14.29 7.74 12.32
N ASN B 80 -14.08 6.46 12.63
CA ASN B 80 -15.09 5.42 12.37
C ASN B 80 -15.53 5.27 10.91
N LEU B 81 -14.54 5.37 10.04
CA LEU B 81 -14.67 5.24 8.61
C LEU B 81 -13.94 4.01 8.12
N TYR B 82 -13.68 3.09 9.02
CA TYR B 82 -12.95 1.86 8.68
C TYR B 82 -13.75 0.60 8.98
N GLY B 83 -15.07 0.71 8.93
CA GLY B 83 -15.95 -0.44 9.13
C GLY B 83 -16.04 -0.82 10.59
N LYS B 84 -16.83 -1.86 10.86
CA LYS B 84 -17.23 -2.21 12.22
C LYS B 84 -16.41 -3.33 12.81
N ASP B 85 -15.77 -4.13 11.96
CA ASP B 85 -15.02 -5.28 12.43
C ASP B 85 -13.97 -5.70 11.39
N ILE B 86 -13.22 -6.76 11.71
CA ILE B 86 -12.08 -7.20 10.89
C ILE B 86 -12.48 -7.64 9.47
N LYS B 87 -13.62 -8.30 9.32
CA LYS B 87 -14.11 -8.67 8.00
C LYS B 87 -14.56 -7.48 7.13
N GLU B 88 -15.25 -6.52 7.72
CA GLU B 88 -15.60 -5.31 6.94
C GLU B 88 -14.31 -4.54 6.55
N ARG B 89 -13.34 -4.52 7.43
CA ARG B 89 -12.07 -3.90 7.14
C ARG B 89 -11.40 -4.57 5.97
N ALA B 90 -11.49 -5.91 5.91
CA ALA B 90 -10.89 -6.66 4.80
C ALA B 90 -11.53 -6.26 3.47
N LEU B 91 -12.86 -6.13 3.41
CA LEU B 91 -13.52 -5.64 2.18
C LEU B 91 -13.10 -4.21 1.86
N ILE B 92 -13.10 -3.35 2.89
CA ILE B 92 -12.64 -2.00 2.69
C ILE B 92 -11.19 -1.95 2.13
N ASP B 93 -10.29 -2.68 2.77
CA ASP B 93 -8.88 -2.71 2.33
C ASP B 93 -8.77 -3.22 0.90
N MET B 94 -9.44 -4.31 0.61
CA MET B 94 -9.42 -4.84 -0.76
C MET B 94 -9.87 -3.81 -1.77
N TYR B 95 -10.99 -3.13 -1.48
CA TYR B 95 -11.52 -2.16 -2.39
C TYR B 95 -10.58 -0.97 -2.58
N ILE B 96 -10.07 -0.42 -1.47
CA ILE B 96 -9.31 0.82 -1.50
C ILE B 96 -7.90 0.59 -2.03
N GLU B 97 -7.41 -0.65 -1.99
CA GLU B 97 -6.14 -0.95 -2.60
C GLU B 97 -6.27 -1.01 -4.12
N GLY B 98 -7.41 -1.43 -4.63
CA GLY B 98 -7.66 -1.36 -6.06
C GLY B 98 -7.80 0.09 -6.50
N ILE B 99 -8.52 0.87 -5.70
CA ILE B 99 -8.61 2.32 -5.90
C ILE B 99 -7.21 2.92 -5.92
N ALA B 100 -6.37 2.58 -4.96
CA ALA B 100 -5.03 3.16 -4.90
C ALA B 100 -4.17 2.75 -6.10
N ASP B 101 -4.32 1.53 -6.59
CA ASP B 101 -3.62 1.14 -7.81
C ASP B 101 -3.98 2.03 -8.99
N LEU B 102 -5.26 2.25 -9.18
CA LEU B 102 -5.71 3.03 -10.30
C LEU B 102 -5.29 4.48 -10.08
N GLY B 103 -5.45 4.97 -8.85
CA GLY B 103 -5.06 6.35 -8.54
C GLY B 103 -3.57 6.60 -8.79
N GLU B 104 -2.75 5.62 -8.50
CA GLU B 104 -1.31 5.73 -8.66
C GLU B 104 -0.98 5.81 -10.13
N MET B 105 -1.67 5.05 -10.96
CA MET B 105 -1.44 5.08 -12.41
C MET B 105 -1.73 6.50 -12.93
N ILE B 106 -2.84 7.09 -12.49
CA ILE B 106 -3.23 8.41 -12.95
C ILE B 106 -2.28 9.46 -12.39
N LEU B 107 -1.90 9.32 -11.12
CA LEU B 107 -0.99 10.26 -10.44
C LEU B 107 0.31 10.37 -11.21
N LEU B 108 0.89 9.23 -11.58
CA LEU B 108 2.21 9.19 -12.16
C LEU B 108 2.22 9.41 -13.67
N LEU B 109 1.05 9.43 -14.30
CA LEU B 109 0.99 9.55 -15.75
C LEU B 109 1.85 10.70 -16.30
N PRO B 110 1.74 11.93 -15.78
CA PRO B 110 2.60 13.01 -16.30
C PRO B 110 4.11 12.87 -16.06
N VAL B 111 4.55 11.95 -15.21
CA VAL B 111 5.97 11.63 -15.16
C VAL B 111 6.42 10.36 -15.90
N CSO B 112 5.54 9.62 -16.54
CA CSO B 112 5.82 8.69 -17.59
CB CSO B 112 4.60 8.22 -18.35
SG CSO B 112 3.65 7.07 -17.37
C CSO B 112 6.80 9.28 -18.54
O CSO B 112 6.73 10.48 -18.81
OD CSO B 112 4.39 5.67 -17.22
N PRO B 113 7.78 8.50 -19.02
CA PRO B 113 8.57 8.99 -20.16
C PRO B 113 7.61 9.47 -21.27
N PRO B 114 7.85 10.63 -21.88
CA PRO B 114 6.94 11.15 -22.93
C PRO B 114 6.60 10.16 -24.04
N GLU B 115 7.56 9.30 -24.37
CA GLU B 115 7.40 8.34 -25.43
C GLU B 115 6.47 7.17 -25.02
N GLU B 116 6.24 7.05 -23.72
CA GLU B 116 5.36 6.01 -23.18
C GLU B 116 3.96 6.50 -22.87
N LYS B 117 3.76 7.83 -22.93
CA LYS B 117 2.52 8.43 -22.42
C LYS B 117 1.26 8.01 -23.15
N ASP B 118 1.33 7.92 -24.48
CA ASP B 118 0.14 7.60 -25.29
C ASP B 118 -0.35 6.18 -24.91
N ALA B 119 0.57 5.22 -24.94
CA ALA B 119 0.19 3.81 -24.70
C ALA B 119 -0.32 3.65 -23.28
N LYS B 120 0.32 4.28 -22.32
CA LYS B 120 -0.09 4.14 -20.93
C LYS B 120 -1.45 4.79 -20.63
N LEU B 121 -1.71 5.97 -21.19
CA LEU B 121 -3.04 6.57 -21.07
C LEU B 121 -4.07 5.61 -21.63
N ALA B 122 -3.79 4.99 -22.77
CA ALA B 122 -4.76 4.04 -23.36
C ALA B 122 -4.98 2.85 -22.43
N LEU B 123 -3.90 2.34 -21.84
CA LEU B 123 -3.99 1.18 -20.93
C LEU B 123 -4.74 1.57 -19.63
N ILE B 124 -4.56 2.81 -19.15
CA ILE B 124 -5.34 3.30 -18.00
C ILE B 124 -6.82 3.32 -18.35
N LYS B 125 -7.17 3.86 -19.51
CA LYS B 125 -8.55 3.91 -19.90
C LYS B 125 -9.16 2.51 -20.06
N GLU B 126 -8.39 1.58 -20.63
CA GLU B 126 -8.82 0.20 -20.82
C GLU B 126 -9.10 -0.42 -19.44
N LYS B 127 -8.19 -0.19 -18.50
CA LYS B 127 -8.35 -0.76 -17.15
C LYS B 127 -9.52 -0.16 -16.42
N ILE B 128 -9.78 1.14 -16.61
CA ILE B 128 -10.94 1.78 -15.97
C ILE B 128 -12.19 1.13 -16.46
N LYS B 129 -12.28 0.98 -17.79
CA LYS B 129 -13.52 0.49 -18.41
C LYS B 129 -13.78 -1.02 -18.17
N ASN B 130 -12.70 -1.80 -18.13
CA ASN B 130 -12.77 -3.26 -18.13
C ASN B 130 -12.48 -3.91 -16.78
N ARG B 131 -11.76 -3.23 -15.89
CA ARG B 131 -11.28 -3.81 -14.65
C ARG B 131 -11.89 -3.09 -13.47
N TYR B 132 -11.57 -1.81 -13.30
CA TYR B 132 -11.88 -1.13 -12.04
C TYR B 132 -13.32 -0.71 -11.90
N PHE B 133 -13.84 0.02 -12.87
CA PHE B 133 -15.24 0.43 -12.78
C PHE B 133 -16.18 -0.77 -12.72
N PRO B 134 -15.99 -1.80 -13.54
CA PRO B 134 -16.83 -2.99 -13.38
C PRO B 134 -16.76 -3.62 -12.02
N ALA B 135 -15.57 -3.66 -11.38
CA ALA B 135 -15.47 -4.24 -10.04
C ALA B 135 -16.34 -3.55 -9.01
N PHE B 136 -16.31 -2.19 -9.02
CA PHE B 136 -17.06 -1.40 -8.07
C PHE B 136 -18.55 -1.38 -8.40
N GLU B 137 -18.86 -1.37 -9.69
CA GLU B 137 -20.26 -1.40 -10.11
C GLU B 137 -20.87 -2.74 -9.62
N LYS B 138 -20.12 -3.81 -9.79
CA LYS B 138 -20.56 -5.13 -9.35
C LYS B 138 -20.83 -5.20 -7.83
N VAL B 139 -19.96 -4.59 -7.03
CA VAL B 139 -20.17 -4.55 -5.59
C VAL B 139 -21.45 -3.82 -5.26
N LEU B 140 -21.63 -2.65 -5.86
CA LEU B 140 -22.83 -1.85 -5.61
C LEU B 140 -24.10 -2.57 -6.08
N LYS B 141 -24.05 -3.21 -7.23
CA LYS B 141 -25.21 -3.92 -7.78
C LYS B 141 -25.58 -5.13 -6.93
N SER B 142 -24.57 -5.77 -6.33
CA SER B 142 -24.79 -6.99 -5.58
C SER B 142 -25.60 -6.75 -4.31
N HIS B 143 -25.37 -5.65 -3.61
CA HIS B 143 -26.07 -5.39 -2.36
C HIS B 143 -27.17 -4.35 -2.49
N GLY B 144 -27.14 -3.60 -3.59
CA GLY B 144 -28.06 -2.50 -3.84
C GLY B 144 -28.11 -1.43 -2.79
N GLN B 145 -27.05 -1.26 -1.99
CA GLN B 145 -27.02 -0.31 -0.89
C GLN B 145 -26.29 0.97 -1.33
N ASP B 146 -26.49 2.05 -0.61
CA ASP B 146 -25.99 3.39 -0.97
C ASP B 146 -24.47 3.54 -0.77
N TYR B 147 -23.90 2.64 0.02
CA TYR B 147 -22.48 2.67 0.37
C TYR B 147 -21.80 1.37 -0.02
N LEU B 148 -20.48 1.43 -0.18
CA LEU B 148 -19.75 0.25 -0.59
C LEU B 148 -19.75 -0.87 0.43
N VAL B 149 -19.54 -0.54 1.70
CA VAL B 149 -19.38 -1.54 2.76
C VAL B 149 -20.23 -1.25 3.97
N GLY B 150 -20.87 -2.29 4.50
CA GLY B 150 -21.56 -2.14 5.78
C GLY B 150 -22.82 -1.28 5.77
N ASN B 151 -23.32 -0.91 4.61
CA ASN B 151 -24.48 0.01 4.53
C ASN B 151 -24.31 1.31 5.33
N LYS B 152 -23.08 1.85 5.36
CA LYS B 152 -22.73 2.99 6.19
C LYS B 152 -21.54 3.63 5.52
N LEU B 153 -21.46 4.95 5.55
CA LEU B 153 -20.28 5.66 5.04
C LEU B 153 -18.98 5.08 5.56
N SER B 154 -18.03 4.85 4.65
CA SER B 154 -16.68 4.50 5.04
C SER B 154 -15.68 5.19 4.15
N ARG B 155 -14.40 5.04 4.50
CA ARG B 155 -13.33 5.60 3.69
C ARG B 155 -13.38 5.11 2.26
N ALA B 156 -13.90 3.90 2.02
CA ALA B 156 -13.96 3.36 0.67
C ALA B 156 -14.82 4.24 -0.24
N ASP B 157 -15.96 4.68 0.27
CA ASP B 157 -16.82 5.62 -0.49
C ASP B 157 -16.10 6.91 -0.81
N ILE B 158 -15.35 7.44 0.16
CA ILE B 158 -14.63 8.69 0.02
C ILE B 158 -13.52 8.51 -1.01
N HIS B 159 -12.70 7.47 -0.86
CA HIS B 159 -11.56 7.30 -1.74
C HIS B 159 -12.09 7.06 -3.15
N LEU B 160 -13.16 6.29 -3.29
CA LEU B 160 -13.65 6.01 -4.64
C LEU B 160 -14.15 7.30 -5.29
N VAL B 161 -14.94 8.09 -4.58
CA VAL B 161 -15.55 9.25 -5.20
C VAL B 161 -14.47 10.31 -5.59
N GLU B 162 -13.44 10.43 -4.78
CA GLU B 162 -12.29 11.26 -5.14
C GLU B 162 -11.73 10.79 -6.48
N LEU B 163 -11.52 9.48 -6.62
CA LEU B 163 -10.99 8.92 -7.86
C LEU B 163 -11.93 9.18 -9.02
N LEU B 164 -13.23 9.12 -8.80
CA LEU B 164 -14.18 9.41 -9.86
C LEU B 164 -14.05 10.84 -10.38
N TYR B 165 -13.74 11.79 -9.51
CA TYR B 165 -13.46 13.16 -9.95
C TYR B 165 -12.22 13.21 -10.83
N TYR B 166 -11.16 12.47 -10.48
CA TYR B 166 -9.98 12.44 -11.34
C TYR B 166 -10.19 11.76 -12.66
N VAL B 167 -10.97 10.69 -12.69
CA VAL B 167 -11.29 10.03 -13.94
C VAL B 167 -12.15 10.94 -14.80
N GLU B 168 -13.05 11.69 -14.20
CA GLU B 168 -13.86 12.66 -14.96
C GLU B 168 -12.95 13.69 -15.65
N GLU B 169 -11.90 14.11 -14.95
CA GLU B 169 -10.95 15.11 -15.47
C GLU B 169 -10.20 14.52 -16.64
N LEU B 170 -9.93 13.23 -16.57
CA LEU B 170 -9.20 12.54 -17.61
C LEU B 170 -10.04 12.34 -18.86
N ASP B 171 -11.27 11.86 -18.67
CA ASP B 171 -12.17 11.57 -19.75
C ASP B 171 -13.55 11.35 -19.13
N SER B 172 -14.45 12.28 -19.39
CA SER B 172 -15.77 12.32 -18.76
C SER B 172 -16.71 11.22 -19.25
N SER B 173 -16.37 10.57 -20.36
CA SER B 173 -17.16 9.43 -20.87
C SER B 173 -16.93 8.14 -20.13
N LEU B 174 -15.85 8.02 -19.38
CA LEU B 174 -15.46 6.66 -18.91
C LEU B 174 -16.47 6.03 -17.94
N ILE B 175 -17.14 6.87 -17.16
CA ILE B 175 -18.13 6.46 -16.19
C ILE B 175 -19.53 6.23 -16.82
N SER B 176 -19.67 6.50 -18.12
CA SER B 176 -21.01 6.60 -18.73
C SER B 176 -21.82 5.31 -18.63
N SER B 177 -21.16 4.17 -18.62
CA SER B 177 -21.86 2.90 -18.62
C SER B 177 -22.00 2.29 -17.22
N PHE B 178 -21.72 3.12 -16.20
CA PHE B 178 -21.71 2.69 -14.81
C PHE B 178 -22.68 3.54 -13.98
N PRO B 179 -23.97 3.29 -14.10
CA PRO B 179 -24.96 4.14 -13.42
C PRO B 179 -24.86 4.15 -11.91
N LEU B 180 -24.45 3.03 -11.31
CA LEU B 180 -24.35 2.96 -9.88
C LEU B 180 -23.16 3.78 -9.39
N LEU B 181 -22.05 3.76 -10.12
CA LEU B 181 -20.95 4.67 -9.76
C LEU B 181 -21.34 6.13 -9.90
N LYS B 182 -22.04 6.49 -10.97
CA LYS B 182 -22.55 7.86 -11.12
C LYS B 182 -23.44 8.23 -9.94
N ALA B 183 -24.30 7.29 -9.50
CA ALA B 183 -25.21 7.58 -8.38
C ALA B 183 -24.49 7.75 -7.06
N LEU B 184 -23.48 6.91 -6.81
CA LEU B 184 -22.64 7.04 -5.65
C LEU B 184 -21.91 8.41 -5.67
N LYS B 185 -21.37 8.81 -6.82
CA LYS B 185 -20.68 10.11 -6.93
C LYS B 185 -21.60 11.24 -6.48
N THR B 186 -22.85 11.16 -6.93
CA THR B 186 -23.83 12.20 -6.64
C THR B 186 -24.16 12.26 -5.15
N ARG B 187 -24.48 11.10 -4.59
CA ARG B 187 -24.82 10.98 -3.19
C ARG B 187 -23.70 11.44 -2.25
N ILE B 188 -22.50 10.94 -2.48
CA ILE B 188 -21.40 11.29 -1.62
C ILE B 188 -21.03 12.78 -1.76
N SER B 189 -21.13 13.31 -2.96
CA SER B 189 -20.80 14.71 -3.20
C SER B 189 -21.82 15.65 -2.54
N ASN B 190 -22.98 15.13 -2.18
CA ASN B 190 -24.00 15.90 -1.48
C ASN B 190 -23.97 15.77 0.04
N LEU B 191 -23.16 14.86 0.59
CA LEU B 191 -22.92 14.88 2.02
C LEU B 191 -22.33 16.22 2.43
N PRO B 192 -22.87 16.86 3.46
CA PRO B 192 -22.44 18.23 3.80
C PRO B 192 -20.94 18.51 3.86
N THR B 193 -20.17 17.64 4.50
CA THR B 193 -18.73 17.85 4.61
C THR B 193 -18.02 17.78 3.24
N VAL B 194 -18.43 16.83 2.40
CA VAL B 194 -17.86 16.68 1.07
C VAL B 194 -18.30 17.83 0.13
N LYS B 195 -19.56 18.17 0.18
CA LYS B 195 -20.14 19.25 -0.64
C LYS B 195 -19.37 20.54 -0.31
N LYS B 196 -19.04 20.76 0.96
CA LYS B 196 -18.28 21.96 1.39
C LYS B 196 -16.84 21.92 0.85
N PHE B 197 -16.23 20.75 0.96
CA PHE B 197 -14.89 20.53 0.40
C PHE B 197 -14.81 20.75 -1.13
N LEU B 198 -15.88 20.43 -1.84
CA LEU B 198 -15.93 20.57 -3.27
C LEU B 198 -16.15 22.02 -3.71
N GLN B 199 -16.70 22.82 -2.83
CA GLN B 199 -16.96 24.22 -3.12
C GLN B 199 -15.72 25.06 -3.16
N PRO B 200 -15.73 26.15 -3.92
CA PRO B 200 -14.57 27.06 -3.91
C PRO B 200 -14.17 27.45 -2.48
N GLY B 201 -12.87 27.61 -2.20
CA GLY B 201 -12.40 28.02 -0.89
C GLY B 201 -11.91 27.01 0.14
N SER B 202 -12.14 25.72 -0.10
CA SER B 202 -11.69 24.66 0.81
C SER B 202 -10.23 24.35 0.50
N PRO B 203 -9.57 23.50 1.30
CA PRO B 203 -8.19 23.08 0.99
C PRO B 203 -8.07 22.16 -0.19
N ARG B 204 -9.16 21.81 -0.84
CA ARG B 204 -9.08 20.95 -2.02
C ARG B 204 -8.12 21.58 -3.07
N LYS B 205 -7.23 20.78 -3.62
CA LYS B 205 -6.21 21.30 -4.54
C LYS B 205 -6.56 21.08 -5.99
N PRO B 206 -6.10 21.97 -6.87
CA PRO B 206 -6.43 21.83 -8.28
C PRO B 206 -5.57 20.78 -8.97
N PRO B 207 -5.90 20.44 -10.21
CA PRO B 207 -5.03 19.59 -11.02
C PRO B 207 -3.64 20.20 -11.04
N MET B 208 -2.64 19.34 -11.00
CA MET B 208 -1.25 19.79 -11.04
C MET B 208 -0.87 20.16 -12.45
N ASP B 209 -0.59 21.45 -12.67
CA ASP B 209 -0.10 21.93 -13.96
C ASP B 209 1.41 21.64 -14.11
N GLU B 210 1.92 21.89 -15.30
CA GLU B 210 3.35 21.72 -15.65
C GLU B 210 4.26 22.37 -14.59
N LYS B 211 3.98 23.65 -14.29
CA LYS B 211 4.73 24.42 -13.28
C LYS B 211 4.78 23.75 -11.90
N SER B 212 3.64 23.30 -11.42
CA SER B 212 3.56 22.69 -10.11
C SER B 212 4.40 21.43 -10.12
N LEU B 213 4.42 20.72 -11.25
CA LEU B 213 5.18 19.47 -11.35
C LEU B 213 6.67 19.77 -11.30
N GLU B 214 7.06 20.87 -11.93
CA GLU B 214 8.46 21.29 -11.97
C GLU B 214 8.91 21.68 -10.56
N GLU B 215 8.08 22.43 -9.86
CA GLU B 215 8.26 22.72 -8.44
C GLU B 215 8.47 21.43 -7.62
N ALA B 216 7.67 20.39 -7.85
CA ALA B 216 7.91 19.10 -7.22
C ALA B 216 9.30 18.57 -7.57
N ARG B 217 9.66 18.61 -8.85
CA ARG B 217 10.97 18.15 -9.32
C ARG B 217 12.13 18.81 -8.58
N LYS B 218 11.99 20.09 -8.32
CA LYS B 218 12.96 20.91 -7.61
C LYS B 218 13.04 20.52 -6.14
N ILE B 219 11.89 20.52 -5.49
CA ILE B 219 11.81 20.26 -4.06
C ILE B 219 12.31 18.87 -3.74
N PHE B 220 11.92 17.89 -4.54
CA PHE B 220 12.12 16.47 -4.22
C PHE B 220 13.33 15.86 -4.94
N ARG B 221 14.02 16.70 -5.72
CA ARG B 221 15.14 16.28 -6.56
C ARG B 221 14.86 14.98 -7.38
N PHE B 222 13.92 15.05 -8.34
CA PHE B 222 13.70 13.93 -9.29
C PHE B 222 13.55 14.39 -10.75
CL CL C . -1.30 -7.81 -4.64
C7' ABY D . 9.63 -9.95 -10.25
O4' ABY D . 8.70 -11.01 -10.17
C4' ABY D . 7.35 -10.82 -10.33
C5' ABY D . 6.78 -9.54 -10.24
C6' ABY D . 5.40 -9.39 -10.42
C1' ABY D . 4.61 -10.50 -10.67
C2' ABY D . 5.16 -11.78 -10.79
C3' ABY D . 6.55 -11.94 -10.59
C' ABY D . 3.13 -10.30 -10.86
SG2 ABY D . 2.13 -10.65 -9.44
CB2 ABY D . 0.61 -11.00 -10.31
CA2 ABY D . -0.12 -9.75 -10.82
N2 ABY D . -0.66 -9.07 -9.68
CD1 ABY D . -0.52 -7.78 -9.43
OE1 ABY D . 0.11 -7.06 -10.17
CG1 ABY D . -1.25 -7.29 -8.18
CB1 ABY D . -0.85 -5.90 -7.73
CA1 ABY D . -1.97 -5.21 -6.94
N1 ABY D . -1.49 -4.06 -6.08
C2 ABY D . -1.26 -10.15 -11.74
O2 ABY D . -2.19 -10.85 -11.30
N3 ABY D . -1.18 -9.71 -12.99
CA3 ABY D . -2.22 -9.96 -13.97
C3 ABY D . -2.88 -8.68 -14.44
O31 ABY D . -2.60 -7.62 -13.86
O32 ABY D . -3.67 -8.75 -15.40
CL CL E . 3.52 8.55 1.12
C7' ABY F . 2.94 13.32 -10.12
O4' ABY F . 3.04 14.28 -9.07
C4' ABY F . 3.86 13.95 -8.00
C5' ABY F . 4.24 12.62 -7.77
C6' ABY F . 5.10 12.32 -6.72
C1' ABY F . 5.59 13.33 -5.91
C2' ABY F . 5.23 14.66 -6.15
C3' ABY F . 4.36 14.96 -7.20
C' ABY F . 6.55 13.00 -4.78
SG2 ABY F . 5.74 12.81 -3.22
CB2 ABY F . 7.08 13.16 -2.12
CA2 ABY F . 8.03 11.98 -1.97
N2 ABY F . 7.42 10.94 -1.21
CD1 ABY F . 7.33 9.67 -1.59
OE1 ABY F . 7.78 9.25 -2.65
CG1 ABY F . 6.71 8.78 -0.54
CB1 ABY F . 6.29 7.40 -1.06
CA1 ABY F . 6.16 6.45 0.14
N1 ABY F . 5.47 5.17 -0.21
C2 ABY F . 9.32 12.43 -1.31
O2 ABY F . 9.33 12.84 -0.17
N3 ABY F . 10.41 12.37 -2.08
CA3 ABY F . 11.75 12.69 -1.59
C3 ABY F . 12.64 11.48 -1.53
O31 ABY F . 12.21 10.34 -1.74
O32 ABY F . 13.87 11.69 -1.29
#